data_3CTP
#
_entry.id   3CTP
#
_cell.length_a   64.172
_cell.length_b   61.903
_cell.length_c   74.362
_cell.angle_alpha   90.000
_cell.angle_beta   104.810
_cell.angle_gamma   90.000
#
_symmetry.space_group_name_H-M   'P 1 21 1'
#
loop_
_entity.id
_entity.type
_entity.pdbx_description
1 polymer 'Periplasmic binding protein/LacI transcriptional regulator'
2 non-polymer beta-D-xylulofuranose
3 non-polymer 'SODIUM ION'
4 water water
#
_entity_poly.entity_id   1
_entity_poly.type   'polypeptide(L)'
_entity_poly.pdbx_seq_one_letter_code
;SLANIREIAKRAGISIATVSRHLNNTGYVSEDAREKIQKVVDELNYTPNALARAMFTKNSKTIGLMVPNISNPFFNQMAS
VIEEYAKNKGYTLFLCNTDDDKEKEKTYLEVLQSHRVAGIIASRSQCEDEYANIDIPVVAFENHILDNIITISSDNYNGG
RMAFDHLYEKGCRKILHIKGPEVFEATELRYKGFLDGARAKDLEIDFIEFQHDFQVKMLEEDINSMKDIVNYDGIFVFND
IAAATVMRALKKRGVSIPQEVQIIGFDNSFIGELLYPSLTTINQPIEALAYTIIELLIKIINGEGVLIEDYIMEVKLIER
ETTISLKDEG
;
_entity_poly.pdbx_strand_id   A,B
#
loop_
_chem_comp.id
_chem_comp.type
_chem_comp.name
_chem_comp.formula
NA non-polymer 'SODIUM ION' 'Na 1'
XLF D-saccharide, beta linking beta-D-xylulofuranose 'C5 H10 O5'
#
# COMPACT_ATOMS: atom_id res chain seq x y z
N SER A 60 -7.00 26.41 -10.15
CA SER A 60 -6.57 25.00 -9.98
C SER A 60 -7.79 24.08 -9.88
N LYS A 61 -7.74 22.95 -10.58
CA LYS A 61 -8.72 21.92 -10.34
C LYS A 61 -8.03 20.75 -9.70
N THR A 62 -7.12 21.01 -8.76
CA THR A 62 -6.44 19.93 -8.04
C THR A 62 -6.64 20.09 -6.54
N ILE A 63 -6.87 18.96 -5.88
CA ILE A 63 -7.01 18.89 -4.43
C ILE A 63 -5.79 18.15 -3.88
N GLY A 64 -5.26 18.61 -2.76
CA GLY A 64 -4.14 17.88 -2.14
C GLY A 64 -4.69 16.96 -1.07
N LEU A 65 -4.33 15.69 -1.14
CA LEU A 65 -4.75 14.72 -0.13
C LEU A 65 -3.53 14.32 0.69
N MET A 66 -3.53 14.66 1.98
CA MET A 66 -2.46 14.22 2.83
C MET A 66 -2.82 12.86 3.40
N VAL A 67 -1.87 11.95 3.25
CA VAL A 67 -1.95 10.56 3.57
C VAL A 67 -0.89 10.26 4.66
N PRO A 68 -1.26 9.64 5.82
N PRO A 68 -1.34 9.77 5.80
CA PRO A 68 -0.15 9.19 6.72
CA PRO A 68 -0.45 9.56 6.90
C PRO A 68 0.87 8.34 5.98
C PRO A 68 0.49 8.36 6.63
N ASN A 69 0.53 7.08 5.71
N ASN A 69 0.12 7.51 5.65
CA ASN A 69 1.27 6.42 4.62
CA ASN A 69 1.04 6.71 4.72
C ASN A 69 0.45 5.46 3.82
C ASN A 69 0.38 5.57 3.85
N ILE A 70 0.64 5.50 2.51
CA ILE A 70 -0.15 4.63 1.60
C ILE A 70 0.35 3.20 1.68
N SER A 71 1.44 3.02 2.41
CA SER A 71 1.82 1.62 2.84
C SER A 71 0.81 0.91 3.74
N ASN A 72 -0.06 1.67 4.40
CA ASN A 72 -1.21 1.03 5.07
C ASN A 72 -2.34 0.86 4.04
N PRO A 73 -2.72 -0.39 3.78
CA PRO A 73 -3.76 -0.67 2.78
C PRO A 73 -4.97 0.21 2.92
N PHE A 74 -5.37 0.53 4.15
CA PHE A 74 -6.59 1.33 4.30
C PHE A 74 -6.39 2.70 3.62
N PHE A 75 -5.22 3.30 3.80
CA PHE A 75 -5.05 4.63 3.20
C PHE A 75 -4.86 4.57 1.69
N ASN A 76 -4.28 3.50 1.17
CA ASN A 76 -4.25 3.49 -0.30
C ASN A 76 -5.62 3.23 -0.89
N GLN A 77 -6.46 2.46 -0.26
CA GLN A 77 -7.81 2.29 -0.76
C GLN A 77 -8.61 3.56 -0.62
N MET A 78 -8.46 4.23 0.52
CA MET A 78 -9.14 5.52 0.69
C MET A 78 -8.70 6.49 -0.39
N ALA A 79 -7.40 6.55 -0.68
CA ALA A 79 -6.91 7.50 -1.69
C ALA A 79 -7.49 7.15 -3.07
N SER A 80 -7.59 5.86 -3.37
CA SER A 80 -8.17 5.48 -4.67
C SER A 80 -9.63 5.93 -4.80
N VAL A 81 -10.40 5.76 -3.72
CA VAL A 81 -11.83 6.08 -3.81
C VAL A 81 -12.05 7.59 -3.73
N ILE A 82 -11.28 8.30 -2.88
CA ILE A 82 -11.37 9.76 -2.91
C ILE A 82 -11.07 10.28 -4.31
N GLU A 83 -10.07 9.69 -4.99
CA GLU A 83 -9.75 10.16 -6.34
C GLU A 83 -10.96 10.01 -7.27
N GLU A 84 -11.69 8.92 -7.14
CA GLU A 84 -12.89 8.70 -7.97
C GLU A 84 -13.94 9.77 -7.72
N TYR A 85 -14.25 10.01 -6.45
CA TYR A 85 -15.23 11.03 -6.14
C TYR A 85 -14.77 12.42 -6.53
N ALA A 86 -13.48 12.72 -6.39
CA ALA A 86 -12.95 14.02 -6.81
C ALA A 86 -13.12 14.17 -8.32
N LYS A 87 -12.80 13.12 -9.05
CA LYS A 87 -12.95 13.14 -10.51
C LYS A 87 -14.40 13.45 -10.91
N ASN A 88 -15.37 12.85 -10.22
CA ASN A 88 -16.78 13.14 -10.52
C ASN A 88 -17.09 14.64 -10.44
N LYS A 89 -16.37 15.35 -9.55
CA LYS A 89 -16.60 16.77 -9.33
C LYS A 89 -15.71 17.64 -10.20
N GLY A 90 -14.83 17.00 -10.99
CA GLY A 90 -13.92 17.71 -11.88
C GLY A 90 -12.53 18.03 -11.34
N TYR A 91 -12.08 17.31 -10.31
CA TYR A 91 -10.77 17.59 -9.69
C TYR A 91 -9.82 16.39 -9.82
N THR A 92 -8.54 16.69 -9.97
CA THR A 92 -7.49 15.68 -9.81
C THR A 92 -6.91 15.77 -8.40
N LEU A 93 -6.09 14.80 -7.99
CA LEU A 93 -5.52 14.78 -6.65
C LEU A 93 -3.97 14.71 -6.72
N PHE A 94 -3.32 15.43 -5.81
CA PHE A 94 -1.90 15.19 -5.48
C PHE A 94 -1.90 14.48 -4.15
N LEU A 95 -1.21 13.36 -4.02
CA LEU A 95 -1.10 12.69 -2.73
C LEU A 95 0.20 13.08 -2.06
N CYS A 96 0.14 13.35 -0.76
CA CYS A 96 1.28 13.81 0.00
C CYS A 96 1.41 12.93 1.22
N ASN A 97 2.61 12.35 1.35
CA ASN A 97 2.87 11.40 2.35
C ASN A 97 3.33 12.10 3.65
N THR A 98 2.51 12.13 4.71
CA THR A 98 2.98 12.89 5.92
C THR A 98 3.63 12.01 6.97
N ASP A 99 3.49 10.70 6.85
N ASP A 99 3.44 10.70 6.87
CA ASP A 99 4.12 9.76 7.79
CA ASP A 99 4.16 9.78 7.74
C ASP A 99 3.87 10.05 9.26
C ASP A 99 3.88 10.03 9.24
N ASP A 100 2.69 10.55 9.56
CA ASP A 100 2.35 10.88 10.94
C ASP A 100 3.43 11.73 11.58
N ASP A 101 3.95 12.66 10.80
CA ASP A 101 5.00 13.56 11.30
C ASP A 101 4.54 15.00 11.16
N LYS A 102 4.56 15.73 12.27
CA LYS A 102 4.08 17.09 12.26
C LYS A 102 4.88 17.96 11.29
N GLU A 103 6.19 17.76 11.24
CA GLU A 103 6.98 18.62 10.36
C GLU A 103 6.76 18.31 8.86
N LYS A 104 6.56 17.04 8.52
CA LYS A 104 6.23 16.73 7.13
C LYS A 104 4.87 17.31 6.76
N GLU A 105 3.93 17.23 7.69
CA GLU A 105 2.62 17.84 7.42
C GLU A 105 2.77 19.34 7.20
N LYS A 106 3.54 20.00 8.07
CA LYS A 106 3.73 21.45 7.90
C LYS A 106 4.35 21.79 6.54
N THR A 107 5.33 20.99 6.12
CA THR A 107 5.99 21.23 4.86
C THR A 107 5.02 21.07 3.71
N TYR A 108 4.21 20.01 3.75
CA TYR A 108 3.26 19.80 2.64
C TYR A 108 2.15 20.84 2.63
N LEU A 109 1.76 21.33 3.80
N LEU A 109 1.76 21.32 3.80
CA LEU A 109 0.78 22.41 3.84
CA LEU A 109 0.78 22.42 3.82
C LEU A 109 1.36 23.61 3.10
C LEU A 109 1.36 23.60 3.08
N GLU A 110 2.62 23.91 3.34
CA GLU A 110 3.25 25.08 2.70
C GLU A 110 3.39 24.86 1.19
N VAL A 111 3.77 23.66 0.82
CA VAL A 111 3.96 23.34 -0.60
C VAL A 111 2.60 23.35 -1.33
N LEU A 112 1.58 22.76 -0.74
CA LEU A 112 0.25 22.80 -1.36
C LEU A 112 -0.27 24.23 -1.52
N GLN A 113 -0.09 25.05 -0.50
CA GLN A 113 -0.49 26.47 -0.59
C GLN A 113 0.28 27.20 -1.71
N SER A 114 1.57 26.94 -1.82
CA SER A 114 2.40 27.64 -2.79
C SER A 114 2.00 27.22 -4.21
N HIS A 115 1.47 26.00 -4.32
CA HIS A 115 0.96 25.49 -5.61
C HIS A 115 -0.51 25.80 -5.87
N ARG A 116 -1.13 26.53 -4.95
CA ARG A 116 -2.48 27.04 -5.15
C ARG A 116 -3.49 25.94 -5.48
N VAL A 117 -3.41 24.83 -4.76
CA VAL A 117 -4.46 23.82 -4.94
C VAL A 117 -5.81 24.37 -4.51
N ALA A 118 -6.89 23.74 -4.97
CA ALA A 118 -8.21 24.27 -4.70
C ALA A 118 -8.65 23.96 -3.28
N GLY A 119 -8.13 22.88 -2.73
CA GLY A 119 -8.54 22.46 -1.39
C GLY A 119 -7.58 21.39 -0.88
N ILE A 120 -7.63 21.14 0.43
CA ILE A 120 -6.74 20.17 1.06
C ILE A 120 -7.57 19.24 1.95
N ILE A 121 -7.26 17.95 1.90
CA ILE A 121 -7.85 16.95 2.80
C ILE A 121 -6.72 16.54 3.74
N ALA A 122 -6.90 16.78 5.04
N ALA A 122 -6.82 16.94 5.00
CA ALA A 122 -5.86 16.60 6.05
CA ALA A 122 -5.84 16.54 5.99
C ALA A 122 -6.13 15.37 6.94
C ALA A 122 -6.34 15.23 6.52
N SER A 123 -5.40 14.29 6.70
N SER A 123 -5.41 14.35 6.90
CA SER A 123 -5.68 13.03 7.41
CA SER A 123 -5.78 13.04 7.42
C SER A 123 -4.84 12.90 8.67
C SER A 123 -4.88 12.72 8.61
N ARG A 124 -5.50 12.52 9.76
CA ARG A 124 -4.78 12.20 10.98
C ARG A 124 -3.78 13.33 11.32
N SER A 125 -4.26 14.56 11.20
CA SER A 125 -3.40 15.73 11.38
C SER A 125 -2.83 15.84 12.79
N GLN A 126 -1.58 16.31 12.88
CA GLN A 126 -0.99 16.68 14.17
C GLN A 126 -0.77 18.19 14.35
N CYS A 127 -1.20 18.96 13.39
CA CYS A 127 -1.15 20.43 13.54
C CYS A 127 -2.43 21.03 14.06
N GLU A 128 -2.37 22.33 14.28
CA GLU A 128 -3.49 23.11 14.73
C GLU A 128 -3.20 24.50 14.20
N ASP A 129 -2.33 25.20 14.93
CA ASP A 129 -1.63 26.42 14.54
C ASP A 129 -1.52 26.71 13.05
N GLU A 130 -0.82 25.82 12.36
CA GLU A 130 -0.43 26.03 10.97
C GLU A 130 -1.61 26.28 10.05
N TYR A 131 -2.78 25.79 10.45
CA TYR A 131 -3.96 25.89 9.60
C TYR A 131 -4.73 27.20 9.74
N ALA A 132 -4.40 27.97 10.77
CA ALA A 132 -5.21 29.12 11.16
C ALA A 132 -5.22 30.24 10.12
N ASN A 133 -4.10 30.40 9.42
CA ASN A 133 -3.97 31.49 8.47
C ASN A 133 -4.13 31.03 7.03
N ILE A 134 -3.80 29.78 6.76
CA ILE A 134 -3.88 29.30 5.39
C ILE A 134 -5.25 29.74 4.88
N ASP A 135 -5.30 30.13 3.62
CA ASP A 135 -6.53 30.67 3.06
C ASP A 135 -7.01 29.75 1.95
N ILE A 136 -7.04 28.46 2.26
CA ILE A 136 -7.41 27.44 1.29
C ILE A 136 -8.37 26.53 2.03
N PRO A 137 -9.44 26.07 1.35
CA PRO A 137 -10.40 25.18 2.01
C PRO A 137 -9.74 23.90 2.49
N VAL A 138 -10.11 23.47 3.70
CA VAL A 138 -9.57 22.24 4.29
C VAL A 138 -10.71 21.47 4.93
N VAL A 139 -10.71 20.14 4.76
CA VAL A 139 -11.50 19.25 5.60
C VAL A 139 -10.55 18.21 6.21
N ALA A 140 -10.92 17.65 7.36
CA ALA A 140 -10.00 16.77 8.09
C ALA A 140 -10.58 15.38 8.18
N PHE A 141 -9.73 14.37 8.04
CA PHE A 141 -10.11 12.98 8.36
C PHE A 141 -9.59 12.58 9.76
N GLU A 142 -10.52 12.20 10.67
CA GLU A 142 -10.23 11.73 12.04
C GLU A 142 -9.83 12.75 13.07
N ASN A 143 -8.66 13.38 12.91
CA ASN A 143 -8.19 14.25 13.96
C ASN A 143 -8.73 15.65 13.75
N HIS A 144 -9.19 16.23 14.84
CA HIS A 144 -9.72 17.60 14.81
C HIS A 144 -8.56 18.57 14.72
N ILE A 145 -8.71 19.61 13.89
CA ILE A 145 -7.63 20.54 13.68
C ILE A 145 -7.94 21.88 14.34
N LEU A 146 -8.96 22.53 13.84
CA LEU A 146 -9.43 23.78 14.44
C LEU A 146 -10.94 23.73 14.43
N ASP A 147 -11.56 24.57 15.26
CA ASP A 147 -13.00 24.49 15.40
C ASP A 147 -13.71 24.89 14.12
N ASN A 148 -13.00 25.52 13.19
CA ASN A 148 -13.66 25.94 11.97
C ASN A 148 -13.35 25.04 10.77
N ILE A 149 -12.86 23.82 11.04
CA ILE A 149 -12.60 22.82 9.99
C ILE A 149 -13.42 21.56 10.29
N ILE A 150 -14.21 21.12 9.30
CA ILE A 150 -15.04 19.95 9.44
C ILE A 150 -14.20 18.71 9.57
N THR A 151 -14.56 17.81 10.48
CA THR A 151 -13.84 16.54 10.67
C THR A 151 -14.78 15.38 10.31
N ILE A 152 -14.32 14.49 9.43
CA ILE A 152 -15.09 13.33 8.99
C ILE A 152 -14.38 12.10 9.57
N SER A 153 -15.13 11.15 10.08
CA SER A 153 -14.52 9.96 10.66
C SER A 153 -15.47 8.80 10.62
N SER A 154 -14.98 7.58 10.83
CA SER A 154 -15.89 6.48 11.11
C SER A 154 -16.30 6.53 12.58
N ASP A 155 -17.30 5.73 12.96
CA ASP A 155 -17.76 5.67 14.35
C ASP A 155 -16.83 4.79 15.17
N ASN A 156 -15.67 5.34 15.48
CA ASN A 156 -14.64 4.54 16.11
C ASN A 156 -14.95 4.11 17.54
N TYR A 157 -15.69 4.93 18.27
CA TYR A 157 -16.05 4.56 19.62
C TYR A 157 -16.94 3.32 19.59
N ASN A 158 -17.98 3.38 18.83
CA ASN A 158 -18.90 2.24 18.77
C ASN A 158 -18.25 1.01 18.13
N GLY A 159 -17.35 1.23 17.18
CA GLY A 159 -16.60 0.09 16.62
C GLY A 159 -15.77 -0.60 17.66
N GLY A 160 -15.16 0.16 18.59
CA GLY A 160 -14.41 -0.50 19.66
C GLY A 160 -15.33 -1.28 20.59
N ARG A 161 -16.50 -0.72 20.91
CA ARG A 161 -17.48 -1.49 21.70
C ARG A 161 -17.89 -2.76 20.97
N MET A 162 -18.13 -2.66 19.66
CA MET A 162 -18.59 -3.85 18.90
C MET A 162 -17.52 -4.92 18.96
N ALA A 163 -16.27 -4.50 18.85
CA ALA A 163 -15.17 -5.47 18.90
C ALA A 163 -15.13 -6.18 20.23
N PHE A 164 -15.34 -5.43 21.32
CA PHE A 164 -15.35 -6.12 22.61
C PHE A 164 -16.51 -7.09 22.69
N ASP A 165 -17.69 -6.60 22.32
CA ASP A 165 -18.93 -7.41 22.45
C ASP A 165 -18.75 -8.70 21.64
N HIS A 166 -18.09 -8.61 20.49
CA HIS A 166 -17.93 -9.82 19.66
C HIS A 166 -17.00 -10.83 20.34
N LEU A 167 -15.84 -10.36 20.84
CA LEU A 167 -14.94 -11.29 21.54
C LEU A 167 -15.64 -11.91 22.74
N TYR A 168 -16.33 -11.08 23.52
CA TYR A 168 -17.01 -11.58 24.73
C TYR A 168 -18.10 -12.62 24.38
N GLU A 169 -18.88 -12.33 23.34
CA GLU A 169 -19.95 -13.24 22.89
C GLU A 169 -19.36 -14.56 22.47
N LYS A 170 -18.14 -14.53 21.91
CA LYS A 170 -17.46 -15.77 21.51
C LYS A 170 -16.66 -16.41 22.64
N GLY A 171 -16.94 -16.00 23.88
CA GLY A 171 -16.41 -16.71 25.04
C GLY A 171 -15.09 -16.23 25.59
N CYS A 172 -14.57 -15.12 25.03
CA CYS A 172 -13.28 -14.67 25.50
C CYS A 172 -13.40 -13.96 26.84
N ARG A 173 -12.50 -14.29 27.76
CA ARG A 173 -12.47 -13.61 29.06
C ARG A 173 -11.09 -13.06 29.42
N LYS A 174 -10.03 -13.70 28.95
CA LYS A 174 -8.69 -13.15 29.04
C LYS A 174 -8.46 -12.40 27.74
N ILE A 175 -8.48 -11.08 27.80
CA ILE A 175 -8.48 -10.26 26.57
C ILE A 175 -7.38 -9.22 26.56
N LEU A 176 -6.74 -9.08 25.38
CA LEU A 176 -5.70 -8.08 25.17
C LEU A 176 -6.19 -7.11 24.11
N HIS A 177 -5.92 -5.83 24.30
CA HIS A 177 -6.12 -4.86 23.21
C HIS A 177 -4.76 -4.25 22.88
N ILE A 178 -4.32 -4.46 21.63
CA ILE A 178 -3.14 -3.78 21.13
C ILE A 178 -3.65 -2.47 20.57
N LYS A 179 -3.40 -1.40 21.32
CA LYS A 179 -3.94 -0.08 20.99
C LYS A 179 -2.97 0.75 20.19
N GLY A 180 -3.51 1.74 19.50
CA GLY A 180 -2.70 2.58 18.64
C GLY A 180 -2.09 3.73 19.41
N PRO A 181 -1.25 4.51 18.73
CA PRO A 181 -0.62 5.69 19.26
C PRO A 181 -1.66 6.66 19.82
N GLU A 182 -1.37 7.30 20.94
CA GLU A 182 -2.27 8.26 21.57
C GLU A 182 -2.65 9.45 20.70
N VAL A 183 -1.78 9.79 19.74
CA VAL A 183 -2.02 10.95 18.89
C VAL A 183 -3.06 10.66 17.80
N PHE A 184 -3.53 9.42 17.68
CA PHE A 184 -4.59 9.11 16.71
C PHE A 184 -5.92 9.15 17.46
N GLU A 185 -6.71 10.21 17.26
CA GLU A 185 -7.99 10.29 17.94
C GLU A 185 -8.82 9.03 17.69
N ALA A 186 -8.73 8.49 16.48
CA ALA A 186 -9.57 7.34 16.14
C ALA A 186 -9.24 6.13 17.00
N THR A 187 -7.95 5.86 17.17
CA THR A 187 -7.61 4.67 17.97
C THR A 187 -7.89 4.90 19.44
N GLU A 188 -7.79 6.14 19.88
CA GLU A 188 -8.15 6.42 21.28
C GLU A 188 -9.63 6.14 21.52
N LEU A 189 -10.48 6.49 20.56
CA LEU A 189 -11.90 6.20 20.71
C LEU A 189 -12.14 4.69 20.65
N ARG A 190 -11.43 3.97 19.76
CA ARG A 190 -11.60 2.51 19.76
C ARG A 190 -11.23 1.90 21.10
N TYR A 191 -10.14 2.39 21.69
CA TYR A 191 -9.71 1.92 23.00
C TYR A 191 -10.78 2.20 24.04
N LYS A 192 -11.33 3.41 24.02
CA LYS A 192 -12.32 3.79 25.02
C LYS A 192 -13.60 2.94 24.86
N GLY A 193 -14.02 2.68 23.63
CA GLY A 193 -15.25 1.90 23.45
C GLY A 193 -15.02 0.48 23.91
N PHE A 194 -13.83 -0.05 23.62
CA PHE A 194 -13.51 -1.43 24.01
C PHE A 194 -13.47 -1.54 25.54
N LEU A 195 -12.80 -0.59 26.18
CA LEU A 195 -12.67 -0.58 27.64
C LEU A 195 -14.03 -0.40 28.30
N ASP A 196 -14.86 0.52 27.76
CA ASP A 196 -16.18 0.70 28.36
C ASP A 196 -16.97 -0.62 28.29
N GLY A 197 -16.82 -1.35 27.18
CA GLY A 197 -17.47 -2.67 27.10
C GLY A 197 -16.99 -3.62 28.19
N ALA A 198 -15.68 -3.67 28.40
CA ALA A 198 -15.11 -4.54 29.44
C ALA A 198 -15.61 -4.13 30.82
N ARG A 199 -15.71 -2.83 31.07
CA ARG A 199 -16.15 -2.37 32.39
C ARG A 199 -17.58 -2.80 32.64
N ALA A 200 -18.40 -2.80 31.60
CA ALA A 200 -19.80 -3.22 31.74
C ALA A 200 -19.91 -4.68 32.14
N LYS A 201 -18.91 -5.47 31.78
CA LYS A 201 -18.90 -6.90 32.13
C LYS A 201 -17.99 -7.19 33.34
N ASP A 202 -17.50 -6.15 33.98
CA ASP A 202 -16.59 -6.33 35.11
C ASP A 202 -15.39 -7.17 34.76
N LEU A 203 -14.86 -6.96 33.56
CA LEU A 203 -13.72 -7.73 33.10
C LEU A 203 -12.50 -6.85 33.04
N GLU A 204 -11.38 -7.31 33.62
CA GLU A 204 -10.12 -6.61 33.46
C GLU A 204 -9.50 -7.00 32.12
N ILE A 205 -8.96 -6.00 31.43
CA ILE A 205 -8.35 -6.15 30.09
C ILE A 205 -6.89 -5.70 30.17
N ASP A 206 -6.03 -6.29 29.35
CA ASP A 206 -4.64 -5.86 29.28
C ASP A 206 -4.44 -5.06 28.00
N PHE A 207 -3.49 -4.12 28.02
CA PHE A 207 -3.19 -3.28 26.87
C PHE A 207 -1.72 -3.31 26.52
N ILE A 208 -1.42 -3.25 25.22
CA ILE A 208 -0.06 -2.96 24.73
C ILE A 208 -0.22 -1.82 23.74
N GLU A 209 0.60 -0.77 23.85
CA GLU A 209 0.39 0.42 23.01
C GLU A 209 1.49 0.56 21.99
N PHE A 210 1.14 0.41 20.72
CA PHE A 210 2.15 0.60 19.67
C PHE A 210 2.31 2.09 19.46
N GLN A 211 3.53 2.54 19.14
CA GLN A 211 3.74 3.99 19.00
C GLN A 211 3.66 4.50 17.58
N HIS A 212 3.49 3.57 16.64
CA HIS A 212 3.43 3.92 15.22
C HIS A 212 2.36 3.06 14.56
N ASP A 213 1.81 3.57 13.47
CA ASP A 213 1.05 2.72 12.55
C ASP A 213 2.08 1.81 11.86
N PHE A 214 1.60 0.91 11.01
CA PHE A 214 2.51 -0.01 10.30
C PHE A 214 3.66 0.70 9.62
N GLN A 215 4.88 0.15 9.82
CA GLN A 215 6.05 0.55 9.09
C GLN A 215 6.71 -0.77 8.72
N VAL A 216 7.44 -0.78 7.62
CA VAL A 216 8.07 -2.02 7.18
C VAL A 216 9.03 -2.54 8.27
N LYS A 217 9.64 -1.63 9.01
CA LYS A 217 10.52 -2.05 10.12
C LYS A 217 9.82 -2.90 11.18
N MET A 218 8.51 -2.75 11.31
CA MET A 218 7.75 -3.53 12.28
C MET A 218 7.95 -5.02 12.05
N LEU A 219 8.29 -5.41 10.82
CA LEU A 219 8.42 -6.85 10.54
C LEU A 219 9.71 -7.43 11.16
N GLU A 220 10.61 -6.53 11.60
CA GLU A 220 11.87 -6.90 12.25
C GLU A 220 11.87 -6.57 13.74
N GLU A 221 10.71 -6.21 14.29
CA GLU A 221 10.57 -5.84 15.70
C GLU A 221 9.81 -6.92 16.47
N ASP A 222 10.24 -7.20 17.70
CA ASP A 222 9.59 -8.20 18.55
C ASP A 222 8.75 -7.52 19.60
N ILE A 223 7.75 -8.23 20.12
CA ILE A 223 7.04 -7.80 21.34
C ILE A 223 7.70 -8.53 22.51
N ASN A 224 8.05 -7.79 23.57
CA ASN A 224 8.65 -8.41 24.74
C ASN A 224 7.65 -9.40 25.29
N SER A 225 8.09 -10.59 25.68
CA SER A 225 7.16 -11.58 26.25
C SER A 225 6.11 -12.01 25.24
N MET A 226 6.51 -12.04 23.97
CA MET A 226 5.65 -12.56 22.93
C MET A 226 5.16 -13.95 23.29
N LYS A 227 5.98 -14.70 24.02
CA LYS A 227 5.62 -16.10 24.36
C LYS A 227 4.33 -16.21 25.19
N ASP A 228 3.93 -15.12 25.84
CA ASP A 228 2.76 -15.13 26.71
C ASP A 228 1.47 -14.76 25.94
N ILE A 229 1.59 -14.29 24.70
CA ILE A 229 0.42 -13.73 24.01
C ILE A 229 -0.58 -14.83 23.69
N VAL A 230 -0.08 -16.04 23.43
CA VAL A 230 -0.98 -17.14 23.13
C VAL A 230 -1.90 -17.42 24.32
N ASN A 231 -1.53 -16.93 25.51
CA ASN A 231 -2.34 -17.22 26.70
C ASN A 231 -3.66 -16.45 26.76
N TYR A 232 -3.79 -15.40 25.95
CA TYR A 232 -5.05 -14.68 25.87
C TYR A 232 -6.10 -15.49 25.12
N ASP A 233 -7.38 -15.26 25.42
CA ASP A 233 -8.47 -15.87 24.66
C ASP A 233 -8.69 -15.10 23.37
N GLY A 234 -8.58 -13.77 23.43
CA GLY A 234 -8.90 -12.95 22.27
C GLY A 234 -8.05 -11.69 22.29
N ILE A 235 -7.77 -11.17 21.10
CA ILE A 235 -6.96 -9.95 20.97
C ILE A 235 -7.68 -9.03 19.99
N PHE A 236 -7.87 -7.76 20.39
CA PHE A 236 -8.38 -6.74 19.48
C PHE A 236 -7.18 -5.87 19.11
N VAL A 237 -6.88 -5.79 17.80
CA VAL A 237 -5.77 -4.97 17.33
C VAL A 237 -6.30 -3.74 16.62
N PHE A 238 -5.66 -2.59 16.86
CA PHE A 238 -6.25 -1.31 16.46
C PHE A 238 -6.50 -1.14 14.97
N ASN A 239 -5.78 -1.85 14.11
CA ASN A 239 -6.17 -1.87 12.70
C ASN A 239 -5.74 -3.14 12.02
N ASP A 240 -6.22 -3.34 10.79
CA ASP A 240 -6.00 -4.61 10.12
C ASP A 240 -4.54 -4.88 9.77
N ILE A 241 -3.84 -3.84 9.33
CA ILE A 241 -2.42 -4.06 8.96
C ILE A 241 -1.57 -4.38 10.21
N ALA A 242 -1.84 -3.72 11.33
CA ALA A 242 -1.16 -4.11 12.57
C ALA A 242 -1.56 -5.54 12.97
N ALA A 243 -2.84 -5.89 12.80
CA ALA A 243 -3.27 -7.27 13.14
C ALA A 243 -2.50 -8.30 12.30
N ALA A 244 -2.27 -7.99 11.03
CA ALA A 244 -1.52 -8.91 10.17
C ALA A 244 -0.13 -9.16 10.75
N THR A 245 0.49 -8.11 11.30
CA THR A 245 1.85 -8.29 11.86
C THR A 245 1.79 -9.15 13.12
N VAL A 246 0.74 -8.94 13.91
CA VAL A 246 0.57 -9.73 15.13
C VAL A 246 0.33 -11.19 14.78
N MET A 247 -0.53 -11.45 13.80
CA MET A 247 -0.79 -12.84 13.41
C MET A 247 0.48 -13.48 12.86
N ARG A 248 1.28 -12.71 12.12
CA ARG A 248 2.54 -13.27 11.58
C ARG A 248 3.44 -13.73 12.71
N ALA A 249 3.53 -12.90 13.75
CA ALA A 249 4.36 -13.25 14.92
C ALA A 249 3.82 -14.49 15.61
N LEU A 250 2.51 -14.58 15.78
CA LEU A 250 1.90 -15.76 16.40
C LEU A 250 2.14 -17.00 15.56
N LYS A 251 1.98 -16.88 14.23
CA LYS A 251 2.20 -18.03 13.34
C LYS A 251 3.65 -18.53 13.44
N LYS A 252 4.60 -17.62 13.54
CA LYS A 252 6.01 -18.00 13.64
C LYS A 252 6.25 -18.87 14.89
N ARG A 253 5.40 -18.72 15.88
CA ARG A 253 5.55 -19.46 17.14
C ARG A 253 4.67 -20.70 17.12
N GLY A 254 4.05 -21.01 15.98
CA GLY A 254 3.22 -22.20 15.88
C GLY A 254 1.84 -22.09 16.49
N VAL A 255 1.38 -20.86 16.73
CA VAL A 255 0.07 -20.63 17.35
C VAL A 255 -1.04 -20.85 16.34
N SER A 256 -2.12 -21.52 16.77
CA SER A 256 -3.24 -21.79 15.89
C SER A 256 -4.32 -20.76 16.14
N ILE A 257 -4.74 -20.09 15.07
CA ILE A 257 -5.82 -19.10 15.14
C ILE A 257 -6.95 -19.66 14.28
N PRO A 258 -8.17 -19.70 14.83
CA PRO A 258 -8.64 -19.16 16.10
C PRO A 258 -8.66 -20.17 17.25
N GLN A 259 -8.13 -21.37 17.02
CA GLN A 259 -8.23 -22.45 18.03
C GLN A 259 -7.60 -22.07 19.36
N GLU A 260 -6.47 -21.36 19.31
CA GLU A 260 -5.77 -21.03 20.54
C GLU A 260 -5.98 -19.58 20.95
N VAL A 261 -6.19 -18.72 19.97
CA VAL A 261 -6.46 -17.33 20.29
C VAL A 261 -7.26 -16.74 19.15
N GLN A 262 -8.24 -15.90 19.49
CA GLN A 262 -9.09 -15.26 18.47
C GLN A 262 -8.61 -13.85 18.27
N ILE A 263 -8.77 -13.32 17.04
CA ILE A 263 -8.24 -11.99 16.69
C ILE A 263 -9.33 -11.20 15.98
N ILE A 264 -9.50 -9.94 16.37
CA ILE A 264 -10.32 -9.02 15.58
C ILE A 264 -9.50 -7.76 15.32
N GLY A 265 -9.56 -7.25 14.08
CA GLY A 265 -8.85 -5.99 13.71
C GLY A 265 -9.82 -4.83 13.56
N PHE A 266 -9.44 -3.86 12.71
CA PHE A 266 -10.32 -2.74 12.41
C PHE A 266 -9.92 -2.19 11.06
N ASP A 267 -10.93 -1.91 10.23
CA ASP A 267 -10.83 -1.21 8.94
C ASP A 267 -11.64 -1.91 7.84
N ASN A 268 -11.53 -3.23 7.79
CA ASN A 268 -11.87 -3.97 6.57
C ASN A 268 -11.06 -3.45 5.38
N SER A 269 -9.74 -3.37 5.56
CA SER A 269 -8.87 -3.13 4.42
C SER A 269 -8.46 -4.45 3.75
N PHE A 270 -7.86 -4.37 2.56
CA PHE A 270 -7.74 -5.60 1.80
C PHE A 270 -6.82 -6.63 2.43
N ILE A 271 -5.95 -6.20 3.33
CA ILE A 271 -5.00 -7.14 3.92
C ILE A 271 -5.70 -8.23 4.72
N GLY A 272 -6.86 -7.92 5.28
CA GLY A 272 -7.59 -8.91 6.09
C GLY A 272 -8.18 -10.07 5.28
N GLU A 273 -8.40 -9.85 3.99
CA GLU A 273 -8.95 -10.89 3.13
C GLU A 273 -7.83 -11.58 2.39
N LEU A 274 -6.75 -10.86 2.20
CA LEU A 274 -5.66 -11.38 1.43
C LEU A 274 -4.96 -12.48 2.23
N LEU A 275 -4.84 -12.30 3.55
CA LEU A 275 -4.20 -13.29 4.44
C LEU A 275 -5.14 -14.36 5.10
N TYR A 276 -4.54 -15.31 5.83
CA TYR A 276 -5.20 -16.56 6.23
C TYR A 276 -4.79 -17.03 7.62
N PRO A 277 -5.77 -17.42 8.46
CA PRO A 277 -7.19 -17.33 8.13
C PRO A 277 -7.59 -15.88 7.95
N SER A 278 -8.68 -15.64 7.21
CA SER A 278 -9.12 -14.28 6.96
C SER A 278 -9.61 -13.62 8.25
N LEU A 279 -9.44 -12.29 8.30
CA LEU A 279 -9.49 -11.55 9.56
C LEU A 279 -10.89 -10.99 9.87
N THR A 280 -11.44 -11.37 11.01
CA THR A 280 -12.63 -10.69 11.52
C THR A 280 -12.27 -9.25 11.83
N THR A 281 -13.15 -8.33 11.49
CA THR A 281 -12.76 -6.91 11.57
C THR A 281 -14.00 -6.04 11.68
N ILE A 282 -13.77 -4.75 11.86
CA ILE A 282 -14.84 -3.76 11.87
C ILE A 282 -14.69 -2.94 10.59
N ASN A 283 -15.75 -2.90 9.81
CA ASN A 283 -15.74 -2.16 8.55
C ASN A 283 -15.76 -0.66 8.72
N GLN A 284 -14.78 0.03 8.13
CA GLN A 284 -14.94 1.47 7.84
C GLN A 284 -15.49 1.66 6.45
N PRO A 285 -16.55 2.48 6.30
CA PRO A 285 -17.23 2.54 5.00
C PRO A 285 -16.51 3.50 4.07
N ILE A 286 -15.48 2.99 3.40
CA ILE A 286 -14.61 3.84 2.60
C ILE A 286 -15.40 4.64 1.55
N GLU A 287 -16.37 4.01 0.89
CA GLU A 287 -17.12 4.75 -0.12
C GLU A 287 -17.86 5.94 0.50
N ALA A 288 -18.56 5.70 1.62
CA ALA A 288 -19.27 6.80 2.27
C ALA A 288 -18.30 7.87 2.79
N LEU A 289 -17.18 7.45 3.36
CA LEU A 289 -16.20 8.44 3.86
C LEU A 289 -15.69 9.30 2.72
N ALA A 290 -15.31 8.66 1.60
CA ALA A 290 -14.74 9.39 0.49
C ALA A 290 -15.76 10.33 -0.13
N TYR A 291 -16.97 9.82 -0.34
CA TYR A 291 -18.06 10.64 -0.85
C TYR A 291 -18.23 11.90 0.01
N THR A 292 -18.28 11.68 1.32
CA THR A 292 -18.59 12.75 2.26
C THR A 292 -17.47 13.79 2.28
N ILE A 293 -16.23 13.31 2.31
CA ILE A 293 -15.09 14.22 2.37
C ILE A 293 -15.11 15.12 1.13
N ILE A 294 -15.35 14.53 -0.04
CA ILE A 294 -15.34 15.33 -1.25
C ILE A 294 -16.57 16.26 -1.33
N GLU A 295 -17.74 15.76 -0.97
CA GLU A 295 -18.93 16.59 -0.98
C GLU A 295 -18.73 17.82 -0.12
N LEU A 296 -18.18 17.63 1.08
CA LEU A 296 -18.04 18.76 2.01
C LEU A 296 -16.92 19.69 1.56
N LEU A 297 -15.80 19.13 1.10
CA LEU A 297 -14.73 20.03 0.64
C LEU A 297 -15.23 20.90 -0.52
N ILE A 298 -16.02 20.33 -1.42
CA ILE A 298 -16.51 21.11 -2.54
C ILE A 298 -17.47 22.22 -2.07
N LYS A 299 -18.26 21.94 -1.02
CA LYS A 299 -19.08 23.02 -0.44
C LYS A 299 -18.22 24.18 0.04
N ILE A 300 -17.14 23.87 0.75
CA ILE A 300 -16.27 24.91 1.25
C ILE A 300 -15.64 25.64 0.06
N ILE A 301 -15.15 24.89 -0.93
CA ILE A 301 -14.54 25.53 -2.08
C ILE A 301 -15.48 26.51 -2.75
N ASN A 302 -16.74 26.11 -2.88
CA ASN A 302 -17.77 26.86 -3.60
C ASN A 302 -18.42 27.95 -2.77
N GLY A 303 -18.10 27.97 -1.47
CA GLY A 303 -18.67 28.95 -0.54
C GLY A 303 -20.12 28.68 -0.18
N GLU A 304 -20.52 27.40 -0.18
CA GLU A 304 -21.87 27.03 0.13
C GLU A 304 -22.04 26.87 1.64
N GLY A 305 -23.26 27.03 2.11
CA GLY A 305 -23.49 26.95 3.53
C GLY A 305 -23.43 25.54 4.02
N VAL A 306 -22.74 25.36 5.14
CA VAL A 306 -22.67 24.06 5.80
C VAL A 306 -22.28 24.28 7.25
N LEU A 307 -22.96 23.60 8.16
CA LEU A 307 -22.60 23.70 9.58
C LEU A 307 -21.28 22.98 9.79
N ILE A 308 -20.31 23.63 10.43
CA ILE A 308 -19.02 22.98 10.68
C ILE A 308 -19.13 22.12 11.92
N GLU A 309 -19.33 20.81 11.72
CA GLU A 309 -19.57 19.87 12.80
C GLU A 309 -18.99 18.52 12.39
N ASP A 310 -18.97 17.56 13.31
CA ASP A 310 -18.43 16.22 12.99
C ASP A 310 -19.37 15.45 12.07
N TYR A 311 -18.78 14.77 11.08
CA TYR A 311 -19.54 13.82 10.25
C TYR A 311 -19.03 12.44 10.58
N ILE A 312 -19.87 11.60 11.19
CA ILE A 312 -19.41 10.28 11.66
C ILE A 312 -20.17 9.19 10.94
N MET A 313 -19.45 8.31 10.24
CA MET A 313 -20.08 7.23 9.45
C MET A 313 -20.17 5.90 10.20
N GLU A 314 -21.28 5.20 9.99
CA GLU A 314 -21.55 3.96 10.70
C GLU A 314 -20.57 2.85 10.31
N VAL A 315 -20.19 2.06 11.32
CA VAL A 315 -19.34 0.88 11.12
C VAL A 315 -20.14 -0.39 11.38
N LYS A 316 -19.61 -1.52 10.93
CA LYS A 316 -20.26 -2.80 11.19
C LYS A 316 -19.26 -3.92 11.29
N LEU A 317 -19.64 -4.95 12.04
CA LEU A 317 -18.78 -6.12 12.23
C LEU A 317 -18.75 -6.97 10.97
N ILE A 318 -17.55 -7.39 10.57
CA ILE A 318 -17.38 -8.33 9.44
C ILE A 318 -16.78 -9.61 10.03
N GLU A 319 -17.58 -10.66 10.16
CA GLU A 319 -17.11 -11.88 10.79
C GLU A 319 -16.41 -12.76 9.77
N ARG A 320 -15.16 -13.14 10.04
CA ARG A 320 -14.42 -14.02 9.17
C ARG A 320 -13.85 -15.18 9.98
N GLU A 321 -12.63 -15.61 9.68
CA GLU A 321 -12.15 -16.90 10.20
C GLU A 321 -11.29 -16.81 11.46
N THR A 322 -10.89 -15.60 11.87
CA THR A 322 -10.08 -15.48 13.08
C THR A 322 -10.87 -15.39 14.39
N THR A 323 -12.20 -15.45 14.29
CA THR A 323 -13.03 -15.65 15.50
C THR A 323 -13.91 -16.85 15.21
N ILE A 324 -14.35 -17.52 16.28
CA ILE A 324 -15.06 -18.79 16.12
C ILE A 324 -16.53 -18.57 15.84
N SER A 325 -17.14 -19.53 15.12
CA SER A 325 -18.56 -19.46 14.82
C SER A 325 -19.15 -20.87 14.77
N SER B 60 9.87 25.82 -8.64
CA SER B 60 9.48 25.13 -7.39
C SER B 60 10.51 24.07 -7.03
N LYS B 61 10.44 23.57 -5.81
CA LYS B 61 11.33 22.51 -5.41
C LYS B 61 10.50 21.27 -5.22
N THR B 62 9.59 20.98 -6.16
CA THR B 62 8.77 19.79 -6.05
C THR B 62 8.91 18.94 -7.30
N ILE B 63 8.97 17.63 -7.08
CA ILE B 63 9.04 16.62 -8.15
C ILE B 63 7.74 15.84 -8.15
N GLY B 64 7.19 15.58 -9.33
CA GLY B 64 5.99 14.74 -9.44
C GLY B 64 6.42 13.30 -9.66
N LEU B 65 5.94 12.41 -8.82
CA LEU B 65 6.22 11.00 -8.99
C LEU B 65 4.94 10.30 -9.43
N MET B 66 4.93 9.79 -10.65
CA MET B 66 3.76 9.09 -11.11
C MET B 66 3.90 7.64 -10.55
N VAL B 67 2.83 7.17 -9.94
CA VAL B 67 2.77 5.90 -9.27
C VAL B 67 1.67 5.05 -9.96
N PRO B 68 2.04 3.93 -10.55
CA PRO B 68 1.06 3.24 -11.37
C PRO B 68 0.06 2.39 -10.60
N ASN B 69 0.35 2.07 -9.33
CA ASN B 69 -0.43 1.16 -8.55
C ASN B 69 -0.18 1.46 -7.08
N ILE B 70 -0.95 2.39 -6.58
CA ILE B 70 -0.78 2.76 -5.18
C ILE B 70 -1.21 1.59 -4.22
N SER B 71 -1.85 0.56 -4.76
CA SER B 71 -2.24 -0.61 -3.94
C SER B 71 -1.05 -1.58 -3.70
N ASN B 72 0.00 -1.43 -4.50
CA ASN B 72 1.06 -2.48 -4.54
C ASN B 72 2.18 -2.09 -3.60
N PRO B 73 2.43 -2.89 -2.57
CA PRO B 73 3.47 -2.62 -1.60
C PRO B 73 4.78 -2.16 -2.22
N PHE B 74 5.14 -2.72 -3.36
CA PHE B 74 6.42 -2.32 -3.95
C PHE B 74 6.42 -0.82 -4.26
N PHE B 75 5.31 -0.34 -4.82
CA PHE B 75 5.30 1.08 -5.18
C PHE B 75 5.17 1.99 -3.97
N ASN B 76 4.51 1.53 -2.91
CA ASN B 76 4.47 2.38 -1.70
C ASN B 76 5.89 2.48 -1.12
N GLN B 77 6.63 1.37 -1.10
CA GLN B 77 7.97 1.42 -0.54
C GLN B 77 8.88 2.26 -1.45
N MET B 78 8.78 2.08 -2.77
CA MET B 78 9.57 2.93 -3.71
C MET B 78 9.26 4.41 -3.46
N ALA B 79 7.98 4.75 -3.29
CA ALA B 79 7.65 6.17 -3.11
C ALA B 79 8.26 6.70 -1.83
N SER B 80 8.24 5.89 -0.77
CA SER B 80 8.82 6.36 0.51
C SER B 80 10.31 6.62 0.36
N VAL B 81 11.02 5.72 -0.32
CA VAL B 81 12.47 5.86 -0.42
C VAL B 81 12.84 6.97 -1.41
N ILE B 82 12.11 7.07 -2.52
CA ILE B 82 12.35 8.20 -3.42
C ILE B 82 12.18 9.51 -2.66
N GLU B 83 11.16 9.59 -1.81
CA GLU B 83 10.94 10.82 -1.05
C GLU B 83 12.17 11.15 -0.20
N GLU B 84 12.77 10.14 0.42
CA GLU B 84 13.96 10.40 1.24
C GLU B 84 15.12 10.95 0.41
N TYR B 85 15.40 10.29 -0.72
CA TYR B 85 16.49 10.80 -1.56
C TYR B 85 16.20 12.17 -2.14
N ALA B 86 14.93 12.44 -2.50
CA ALA B 86 14.57 13.77 -3.02
C ALA B 86 14.80 14.80 -1.92
N LYS B 87 14.39 14.46 -0.69
CA LYS B 87 14.58 15.41 0.42
C LYS B 87 16.07 15.75 0.62
N ASN B 88 16.93 14.76 0.49
CA ASN B 88 18.37 14.99 0.60
C ASN B 88 18.84 16.04 -0.42
N LYS B 89 18.17 16.16 -1.56
CA LYS B 89 18.55 17.10 -2.61
C LYS B 89 17.79 18.42 -2.53
N GLY B 90 16.88 18.52 -1.57
CA GLY B 90 16.12 19.74 -1.38
C GLY B 90 14.73 19.77 -1.99
N TYR B 91 14.19 18.60 -2.38
CA TYR B 91 12.88 18.53 -3.07
C TYR B 91 11.82 17.80 -2.26
N THR B 92 10.55 18.23 -2.43
CA THR B 92 9.40 17.48 -1.94
C THR B 92 8.76 16.74 -3.12
N LEU B 93 7.87 15.80 -2.85
CA LEU B 93 7.26 15.01 -3.93
C LEU B 93 5.75 15.17 -3.90
N PHE B 94 5.13 15.22 -5.07
CA PHE B 94 3.69 14.97 -5.18
C PHE B 94 3.53 13.58 -5.77
N LEU B 95 2.71 12.73 -5.18
CA LEU B 95 2.47 11.43 -5.81
C LEU B 95 1.22 11.50 -6.65
N CYS B 96 1.27 10.92 -7.85
CA CYS B 96 0.13 10.95 -8.76
C CYS B 96 -0.18 9.54 -9.15
N ASN B 97 -1.42 9.15 -8.89
CA ASN B 97 -1.86 7.82 -9.12
C ASN B 97 -2.26 7.57 -10.60
N THR B 98 -1.46 6.85 -11.40
CA THR B 98 -1.87 6.68 -12.81
C THR B 98 -2.66 5.41 -13.07
N ASP B 99 -2.61 4.45 -12.14
N ASP B 99 -2.66 4.46 -12.13
CA ASP B 99 -3.45 3.28 -12.25
CA ASP B 99 -3.42 3.23 -12.29
C ASP B 99 -3.23 2.54 -13.59
C ASP B 99 -3.21 2.49 -13.59
N ASP B 100 -1.99 2.49 -14.09
CA ASP B 100 -1.68 1.84 -15.36
C ASP B 100 -2.67 2.21 -16.46
N ASP B 101 -3.03 3.48 -16.48
CA ASP B 101 -4.00 3.96 -17.47
C ASP B 101 -3.40 5.12 -18.26
N LYS B 102 -3.37 4.98 -19.57
CA LYS B 102 -2.77 6.01 -20.40
C LYS B 102 -3.46 7.38 -20.23
N GLU B 103 -4.79 7.39 -20.13
CA GLU B 103 -5.49 8.68 -19.98
C GLU B 103 -5.19 9.33 -18.64
N LYS B 104 -5.09 8.55 -17.57
CA LYS B 104 -4.74 9.16 -16.26
C LYS B 104 -3.33 9.72 -16.31
N GLU B 105 -2.42 8.98 -16.94
CA GLU B 105 -1.05 9.48 -17.07
C GLU B 105 -1.02 10.78 -17.86
N LYS B 106 -1.76 10.83 -18.97
CA LYS B 106 -1.81 12.05 -19.75
C LYS B 106 -2.34 13.21 -18.94
N THR B 107 -3.40 12.96 -18.16
CA THR B 107 -3.98 13.99 -17.33
C THR B 107 -2.97 14.50 -16.31
N TYR B 108 -2.26 13.59 -15.64
CA TYR B 108 -1.31 14.01 -14.61
C TYR B 108 -0.11 14.72 -15.21
N LEU B 109 0.29 14.30 -16.40
N LEU B 109 0.30 14.31 -16.40
CA LEU B 109 1.37 15.01 -17.08
CA LEU B 109 1.36 15.04 -17.07
C LEU B 109 0.96 16.46 -17.31
C LEU B 109 0.96 16.48 -17.28
N GLU B 110 -0.27 16.70 -17.74
CA GLU B 110 -0.74 18.07 -17.98
C GLU B 110 -0.83 18.87 -16.68
N VAL B 111 -1.32 18.22 -15.64
CA VAL B 111 -1.48 18.88 -14.36
C VAL B 111 -0.11 19.23 -13.77
N LEU B 112 0.84 18.30 -13.86
CA LEU B 112 2.18 18.58 -13.35
C LEU B 112 2.84 19.72 -14.12
N GLN B 113 2.63 19.76 -15.45
CA GLN B 113 3.20 20.85 -16.25
C GLN B 113 2.57 22.18 -15.87
N SER B 114 1.27 22.17 -15.64
CA SER B 114 0.56 23.41 -15.31
C SER B 114 1.02 23.97 -13.98
N HIS B 115 1.44 23.06 -13.10
CA HIS B 115 1.98 23.43 -11.77
C HIS B 115 3.48 23.68 -11.78
N ARG B 116 4.11 23.55 -12.93
CA ARG B 116 5.51 23.93 -13.08
C ARG B 116 6.40 23.19 -12.07
N VAL B 117 6.15 21.91 -11.89
CA VAL B 117 7.09 21.13 -11.07
C VAL B 117 8.48 21.12 -11.67
N ALA B 118 9.47 20.80 -10.84
CA ALA B 118 10.85 20.87 -11.30
C ALA B 118 11.23 19.68 -12.16
N GLY B 119 10.54 18.57 -11.96
CA GLY B 119 10.83 17.37 -12.74
C GLY B 119 9.76 16.32 -12.49
N ILE B 120 9.74 15.28 -13.33
CA ILE B 120 8.74 14.22 -13.25
C ILE B 120 9.42 12.87 -13.32
N ILE B 121 8.99 11.95 -12.47
CA ILE B 121 9.43 10.56 -12.52
C ILE B 121 8.24 9.78 -13.05
N ALA B 122 8.35 9.36 -14.31
N ALA B 122 8.38 9.16 -14.22
CA ALA B 122 7.33 8.58 -14.93
CA ALA B 122 7.28 8.43 -14.87
C ALA B 122 7.60 7.17 -14.47
C ALA B 122 7.42 6.91 -14.78
N SER B 123 6.56 6.34 -14.45
N SER B 123 6.59 6.28 -13.96
CA SER B 123 6.71 5.02 -13.88
CA SER B 123 6.72 4.84 -13.70
C SER B 123 5.78 4.06 -14.63
C SER B 123 5.78 4.00 -14.54
N ARG B 124 6.35 3.03 -15.25
CA ARG B 124 5.56 2.09 -16.04
C ARG B 124 4.68 2.85 -17.06
N SER B 125 5.30 3.82 -17.72
CA SER B 125 4.56 4.70 -18.63
C SER B 125 3.97 3.98 -19.84
N GLN B 126 2.77 4.43 -20.25
CA GLN B 126 2.16 3.94 -21.47
C GLN B 126 2.09 5.01 -22.55
N CYS B 127 2.68 6.17 -22.30
CA CYS B 127 2.75 7.21 -23.32
C CYS B 127 4.04 7.21 -24.11
N GLU B 128 4.11 8.10 -25.09
CA GLU B 128 5.29 8.26 -25.89
C GLU B 128 5.34 9.71 -26.33
N ASP B 129 4.60 10.04 -27.39
CA ASP B 129 4.65 11.39 -27.95
C ASP B 129 4.12 12.48 -27.03
N GLU B 130 3.28 12.14 -26.05
CA GLU B 130 2.81 13.17 -25.12
C GLU B 130 3.97 13.81 -24.37
N TYR B 131 5.07 13.08 -24.28
CA TYR B 131 6.25 13.59 -23.58
C TYR B 131 7.16 14.46 -24.45
N ALA B 132 6.94 14.43 -25.76
CA ALA B 132 7.81 15.19 -26.68
C ALA B 132 7.70 16.70 -26.42
N ASN B 133 8.84 17.35 -26.26
CA ASN B 133 8.90 18.78 -25.94
C ASN B 133 7.91 19.29 -24.88
N ILE B 134 7.88 18.64 -23.71
CA ILE B 134 7.11 19.18 -22.57
C ILE B 134 7.94 20.14 -21.72
N ASP B 135 9.22 20.27 -22.06
CA ASP B 135 10.16 21.14 -21.37
C ASP B 135 10.08 21.10 -19.84
N ILE B 136 10.00 19.89 -19.31
CA ILE B 136 10.23 19.66 -17.90
C ILE B 136 11.02 18.37 -17.85
N PRO B 137 12.08 18.32 -17.04
CA PRO B 137 12.91 17.12 -16.95
C PRO B 137 12.10 15.90 -16.55
N VAL B 138 12.35 14.81 -17.24
CA VAL B 138 11.65 13.54 -16.94
C VAL B 138 12.70 12.41 -16.90
N VAL B 139 12.57 11.50 -15.92
CA VAL B 139 13.21 10.18 -16.00
C VAL B 139 12.12 9.11 -15.87
N ALA B 140 12.38 7.91 -16.38
CA ALA B 140 11.33 6.88 -16.43
C ALA B 140 11.78 5.68 -15.65
N PHE B 141 10.84 5.06 -14.95
CA PHE B 141 11.07 3.75 -14.31
C PHE B 141 10.44 2.65 -15.16
N GLU B 142 11.28 1.70 -15.60
CA GLU B 142 10.91 0.48 -16.37
C GLU B 142 10.57 0.66 -17.83
N ASN B 143 9.47 1.35 -18.12
CA ASN B 143 9.04 1.43 -19.51
C ASN B 143 9.73 2.59 -20.22
N HIS B 144 10.21 2.32 -21.43
CA HIS B 144 10.88 3.33 -22.21
C HIS B 144 9.86 4.27 -22.79
N ILE B 145 10.19 5.57 -22.83
CA ILE B 145 9.21 6.55 -23.29
C ILE B 145 9.63 7.12 -24.62
N LEU B 146 10.75 7.82 -24.60
CA LEU B 146 11.30 8.39 -25.83
C LEU B 146 12.80 8.20 -25.74
N ASP B 147 13.46 8.27 -26.89
CA ASP B 147 14.89 7.99 -26.88
C ASP B 147 15.69 9.04 -26.10
N ASN B 148 15.09 10.18 -25.77
CA ASN B 148 15.85 11.19 -25.05
C ASN B 148 15.49 11.26 -23.57
N ILE B 149 14.89 10.20 -23.06
CA ILE B 149 14.53 10.10 -21.64
C ILE B 149 15.18 8.85 -21.04
N ILE B 150 15.94 9.03 -19.95
CA ILE B 150 16.62 7.91 -19.30
C ILE B 150 15.64 6.95 -18.67
N THR B 151 15.88 5.65 -18.78
CA THR B 151 15.03 4.63 -18.17
C THR B 151 15.87 3.90 -17.13
N ILE B 152 15.35 3.83 -15.89
CA ILE B 152 15.98 3.12 -14.80
C ILE B 152 15.13 1.88 -14.52
N SER B 153 15.76 0.74 -14.31
N SER B 153 15.76 0.74 -14.30
CA SER B 153 15.00 -0.46 -14.01
CA SER B 153 15.01 -0.47 -14.03
C SER B 153 15.85 -1.44 -13.24
C SER B 153 15.85 -1.44 -13.24
N SER B 154 15.23 -2.48 -12.69
CA SER B 154 16.00 -3.59 -12.15
C SER B 154 16.35 -4.51 -13.31
N ASP B 155 17.26 -5.45 -13.06
CA ASP B 155 17.65 -6.44 -14.08
C ASP B 155 16.59 -7.54 -14.18
N ASN B 156 15.48 -7.19 -14.84
CA ASN B 156 14.32 -8.08 -14.85
C ASN B 156 14.53 -9.34 -15.68
N TYR B 157 15.35 -9.23 -16.74
CA TYR B 157 15.60 -10.43 -17.54
C TYR B 157 16.37 -11.46 -16.71
N ASN B 158 17.45 -11.00 -16.10
CA ASN B 158 18.22 -11.95 -15.31
C ASN B 158 17.47 -12.44 -14.08
N GLY B 159 16.63 -11.58 -13.50
CA GLY B 159 15.79 -12.06 -12.38
C GLY B 159 14.83 -13.16 -12.81
N GLY B 160 14.25 -13.07 -14.01
CA GLY B 160 13.42 -14.17 -14.52
C GLY B 160 14.24 -15.45 -14.68
N ARG B 161 15.45 -15.34 -15.22
CA ARG B 161 16.30 -16.54 -15.34
C ARG B 161 16.62 -17.12 -13.96
N MET B 162 16.92 -16.25 -12.99
CA MET B 162 17.26 -16.73 -11.64
C MET B 162 16.09 -17.49 -11.06
N ALA B 163 14.88 -16.99 -11.30
CA ALA B 163 13.70 -17.64 -10.74
C ALA B 163 13.54 -19.02 -11.34
N PHE B 164 13.76 -19.14 -12.64
CA PHE B 164 13.66 -20.46 -13.24
C PHE B 164 14.72 -21.38 -12.65
N ASP B 165 15.95 -20.89 -12.62
CA ASP B 165 17.06 -21.74 -12.18
C ASP B 165 16.80 -22.23 -10.77
N HIS B 166 16.22 -21.38 -9.92
CA HIS B 166 15.99 -21.79 -8.53
C HIS B 166 14.92 -22.88 -8.45
N LEU B 167 13.80 -22.72 -9.16
CA LEU B 167 12.81 -23.79 -9.16
C LEU B 167 13.39 -25.10 -9.71
N TYR B 168 14.15 -25.01 -10.79
CA TYR B 168 14.68 -26.21 -11.42
C TYR B 168 15.66 -26.93 -10.50
N GLU B 169 16.48 -26.14 -9.81
CA GLU B 169 17.46 -26.69 -8.87
C GLU B 169 16.77 -27.38 -7.70
N LYS B 170 15.60 -26.88 -7.32
CA LYS B 170 14.80 -27.50 -6.25
C LYS B 170 13.91 -28.65 -6.77
N GLY B 171 14.19 -29.13 -7.98
CA GLY B 171 13.55 -30.33 -8.48
C GLY B 171 12.25 -30.14 -9.23
N CYS B 172 11.84 -28.89 -9.46
CA CYS B 172 10.60 -28.68 -10.19
C CYS B 172 10.75 -28.99 -11.67
N ARG B 173 9.77 -29.72 -12.22
CA ARG B 173 9.77 -30.01 -13.64
C ARG B 173 8.45 -29.69 -14.29
N LYS B 174 7.36 -29.66 -13.53
CA LYS B 174 6.07 -29.21 -14.02
C LYS B 174 5.89 -27.78 -13.54
N ILE B 175 6.07 -26.80 -14.41
CA ILE B 175 6.24 -25.41 -13.95
C ILE B 175 5.28 -24.48 -14.65
N LEU B 176 4.70 -23.57 -13.85
CA LEU B 176 3.79 -22.53 -14.35
C LEU B 176 4.42 -21.17 -14.09
N HIS B 177 4.29 -20.26 -15.06
CA HIS B 177 4.63 -18.86 -14.81
C HIS B 177 3.35 -18.05 -14.98
N ILE B 178 2.94 -17.40 -13.90
CA ILE B 178 1.85 -16.44 -13.99
C ILE B 178 2.51 -15.13 -14.38
N LYS B 179 2.32 -14.72 -15.64
CA LYS B 179 3.02 -13.57 -16.18
C LYS B 179 2.20 -12.31 -16.09
N GLY B 180 2.88 -11.18 -16.15
CA GLY B 180 2.20 -9.89 -16.01
C GLY B 180 1.67 -9.44 -17.34
N PRO B 181 0.93 -8.33 -17.34
CA PRO B 181 0.42 -7.64 -18.49
C PRO B 181 1.54 -7.38 -19.51
N GLU B 182 1.26 -7.57 -20.80
CA GLU B 182 2.24 -7.35 -21.86
C GLU B 182 2.74 -5.91 -21.94
N VAL B 183 1.95 -4.96 -21.42
CA VAL B 183 2.35 -3.54 -21.49
C VAL B 183 3.40 -3.18 -20.46
N PHE B 184 3.74 -4.11 -19.56
CA PHE B 184 4.81 -3.85 -18.58
C PHE B 184 6.10 -4.42 -19.15
N GLU B 185 7.02 -3.57 -19.63
CA GLU B 185 8.29 -4.10 -20.14
C GLU B 185 9.01 -4.98 -19.14
N ALA B 186 8.89 -4.63 -17.86
CA ALA B 186 9.62 -5.40 -16.86
C ALA B 186 9.14 -6.83 -16.76
N THR B 187 7.82 -7.03 -16.78
CA THR B 187 7.32 -8.39 -16.65
C THR B 187 7.52 -9.17 -17.94
N GLU B 188 7.52 -8.48 -19.08
CA GLU B 188 7.87 -9.19 -20.33
C GLU B 188 9.29 -9.71 -20.27
N LEU B 189 10.21 -8.93 -19.69
CA LEU B 189 11.60 -9.41 -19.59
C LEU B 189 11.70 -10.56 -18.59
N ARG B 190 10.93 -10.52 -17.49
CA ARG B 190 10.97 -11.64 -16.54
C ARG B 190 10.51 -12.93 -17.23
N TYR B 191 9.43 -12.81 -18.00
CA TYR B 191 8.89 -13.94 -18.77
C TYR B 191 9.93 -14.48 -19.74
N LYS B 192 10.62 -13.58 -20.45
CA LYS B 192 11.60 -14.03 -21.43
C LYS B 192 12.80 -14.70 -20.73
N GLY B 193 13.24 -14.16 -19.59
CA GLY B 193 14.39 -14.79 -18.90
C GLY B 193 14.02 -16.17 -18.38
N PHE B 194 12.81 -16.27 -17.83
CA PHE B 194 12.30 -17.55 -17.32
C PHE B 194 12.18 -18.57 -18.45
N LEU B 195 11.56 -18.16 -19.56
CA LEU B 195 11.39 -19.05 -20.70
C LEU B 195 12.72 -19.46 -21.30
N ASP B 196 13.67 -18.52 -21.41
CA ASP B 196 14.99 -18.91 -21.96
C ASP B 196 15.65 -19.94 -21.04
N GLY B 197 15.43 -19.83 -19.73
CA GLY B 197 15.97 -20.85 -18.82
C GLY B 197 15.35 -22.21 -19.08
N ALA B 198 14.03 -22.25 -19.25
CA ALA B 198 13.33 -23.49 -19.54
C ALA B 198 13.85 -24.10 -20.84
N ARG B 199 14.05 -23.28 -21.86
CA ARG B 199 14.48 -23.81 -23.15
C ARG B 199 15.86 -24.43 -23.03
N ALA B 200 16.70 -23.84 -22.19
CA ALA B 200 18.06 -24.40 -21.98
C ALA B 200 18.01 -25.79 -21.37
N LYS B 201 16.94 -26.07 -20.63
CA LYS B 201 16.77 -27.38 -19.99
C LYS B 201 15.79 -28.29 -20.76
N ASP B 202 15.39 -27.87 -21.95
CA ASP B 202 14.45 -28.62 -22.76
C ASP B 202 13.16 -28.93 -22.00
N LEU B 203 12.69 -27.95 -21.23
CA LEU B 203 11.49 -28.10 -20.44
C LEU B 203 10.34 -27.26 -20.98
N GLU B 204 9.18 -27.87 -21.17
CA GLU B 204 7.98 -27.14 -21.55
C GLU B 204 7.41 -26.51 -20.29
N ILE B 205 7.04 -25.24 -20.37
CA ILE B 205 6.46 -24.43 -19.26
C ILE B 205 5.06 -24.03 -19.67
N ASP B 206 4.16 -23.86 -18.69
CA ASP B 206 2.82 -23.30 -18.97
C ASP B 206 2.77 -21.86 -18.49
N PHE B 207 1.93 -21.04 -19.12
CA PHE B 207 1.75 -19.64 -18.75
C PHE B 207 0.30 -19.30 -18.54
N ILE B 208 0.04 -18.39 -17.60
CA ILE B 208 -1.26 -17.75 -17.42
C ILE B 208 -0.95 -16.27 -17.37
N GLU B 209 -1.66 -15.42 -18.12
CA GLU B 209 -1.31 -14.03 -18.20
C GLU B 209 -2.34 -13.13 -17.53
N PHE B 210 -1.96 -12.49 -16.42
CA PHE B 210 -2.89 -11.56 -15.78
C PHE B 210 -2.89 -10.27 -16.55
N GLN B 211 -4.04 -9.60 -16.65
CA GLN B 211 -4.10 -8.37 -17.45
C GLN B 211 -3.93 -7.11 -16.64
N HIS B 212 -3.86 -7.26 -15.32
CA HIS B 212 -3.67 -6.13 -14.41
C HIS B 212 -2.66 -6.50 -13.34
N ASP B 213 -2.00 -5.47 -12.81
CA ASP B 213 -1.31 -5.62 -11.51
C ASP B 213 -2.38 -5.80 -10.44
N PHE B 214 -1.96 -6.00 -9.20
CA PHE B 214 -2.94 -6.22 -8.12
C PHE B 214 -4.00 -5.14 -8.06
N GLN B 215 -5.27 -5.56 -7.92
CA GLN B 215 -6.38 -4.68 -7.65
C GLN B 215 -7.15 -5.38 -6.55
N VAL B 216 -7.81 -4.62 -5.70
CA VAL B 216 -8.54 -5.24 -4.61
C VAL B 216 -9.61 -6.21 -5.16
N LYS B 217 -10.14 -5.91 -6.33
CA LYS B 217 -11.13 -6.82 -6.90
C LYS B 217 -10.60 -8.21 -7.22
N MET B 218 -9.27 -8.34 -7.36
CA MET B 218 -8.68 -9.68 -7.58
C MET B 218 -9.05 -10.65 -6.47
N LEU B 219 -9.35 -10.13 -5.29
CA LEU B 219 -9.66 -11.01 -4.18
C LEU B 219 -11.01 -11.73 -4.37
N GLU B 220 -11.82 -11.24 -5.30
CA GLU B 220 -13.15 -11.83 -5.62
C GLU B 220 -13.15 -12.45 -7.02
N GLU B 221 -11.97 -12.62 -7.62
CA GLU B 221 -11.83 -13.26 -8.94
C GLU B 221 -11.19 -14.64 -8.83
N ASP B 222 -11.66 -15.59 -9.63
CA ASP B 222 -11.12 -16.96 -9.64
C ASP B 222 -10.25 -17.17 -10.87
N ILE B 223 -9.31 -18.10 -10.79
CA ILE B 223 -8.64 -18.64 -11.99
C ILE B 223 -9.42 -19.87 -12.44
N ASN B 224 -9.80 -19.91 -13.71
CA ASN B 224 -10.45 -21.10 -14.28
C ASN B 224 -9.55 -22.31 -14.04
N SER B 225 -10.14 -23.42 -13.63
CA SER B 225 -9.32 -24.62 -13.40
C SER B 225 -8.33 -24.42 -12.25
N MET B 226 -8.69 -23.58 -11.30
CA MET B 226 -7.82 -23.39 -10.13
C MET B 226 -7.52 -24.73 -9.45
N LYS B 227 -8.50 -25.61 -9.41
CA LYS B 227 -8.28 -26.89 -8.72
C LYS B 227 -7.13 -27.72 -9.32
N ASP B 228 -6.63 -27.32 -10.49
CA ASP B 228 -5.53 -28.04 -11.16
C ASP B 228 -4.16 -27.41 -10.87
N ILE B 229 -4.14 -26.25 -10.24
CA ILE B 229 -2.89 -25.51 -10.06
C ILE B 229 -1.98 -26.25 -9.12
N VAL B 230 -2.57 -26.98 -8.17
CA VAL B 230 -1.77 -27.70 -7.21
C VAL B 230 -0.94 -28.76 -7.92
N ASN B 231 -1.33 -29.14 -9.14
CA ASN B 231 -0.62 -30.19 -9.85
C ASN B 231 0.78 -29.78 -10.34
N TYR B 232 1.04 -28.47 -10.40
CA TYR B 232 2.38 -27.99 -10.74
C TYR B 232 3.36 -28.25 -9.58
N ASP B 233 4.62 -28.45 -9.91
CA ASP B 233 5.69 -28.57 -8.91
C ASP B 233 6.07 -27.18 -8.40
N GLY B 234 6.05 -26.20 -9.30
CA GLY B 234 6.54 -24.86 -8.93
C GLY B 234 5.83 -23.80 -9.77
N ILE B 235 5.69 -22.61 -9.19
CA ILE B 235 5.02 -21.50 -9.87
C ILE B 235 5.88 -20.26 -9.65
N PHE B 236 6.17 -19.54 -10.73
CA PHE B 236 6.82 -18.23 -10.64
C PHE B 236 5.74 -17.21 -10.92
N VAL B 237 5.50 -16.28 -9.99
CA VAL B 237 4.48 -15.26 -10.20
C VAL B 237 5.16 -13.92 -10.41
N PHE B 238 4.61 -13.09 -11.31
CA PHE B 238 5.37 -11.93 -11.78
C PHE B 238 5.70 -10.88 -10.72
N ASN B 239 4.95 -10.84 -9.62
CA ASN B 239 5.40 -10.01 -8.50
C ASN B 239 4.87 -10.50 -7.18
N ASP B 240 5.33 -9.92 -6.08
CA ASP B 240 5.04 -10.50 -4.78
C ASP B 240 3.58 -10.30 -4.39
N ILE B 241 2.99 -9.16 -4.74
CA ILE B 241 1.58 -8.94 -4.36
C ILE B 241 0.66 -9.87 -5.15
N ALA B 242 0.95 -10.09 -6.43
CA ALA B 242 0.20 -11.14 -7.17
C ALA B 242 0.43 -12.54 -6.58
N ALA B 243 1.67 -12.81 -6.17
CA ALA B 243 1.94 -14.11 -5.56
C ALA B 243 1.09 -14.30 -4.31
N ALA B 244 0.93 -13.25 -3.52
CA ALA B 244 0.10 -13.35 -2.32
C ALA B 244 -1.32 -13.78 -2.67
N THR B 245 -1.85 -13.27 -3.79
CA THR B 245 -3.21 -13.63 -4.17
C THR B 245 -3.29 -15.09 -4.61
N VAL B 246 -2.24 -15.53 -5.31
CA VAL B 246 -2.19 -16.92 -5.75
C VAL B 246 -2.10 -17.84 -4.54
N MET B 247 -1.27 -17.48 -3.57
CA MET B 247 -1.12 -18.32 -2.37
C MET B 247 -2.42 -18.36 -1.58
N ARG B 248 -3.12 -17.24 -1.51
CA ARG B 248 -4.43 -17.23 -0.83
C ARG B 248 -5.39 -18.22 -1.48
N ALA B 249 -5.42 -18.21 -2.81
CA ALA B 249 -6.30 -19.16 -3.53
C ALA B 249 -5.91 -20.59 -3.24
N LEU B 250 -4.63 -20.87 -3.27
CA LEU B 250 -4.17 -22.23 -2.97
C LEU B 250 -4.55 -22.60 -1.56
N LYS B 251 -4.34 -21.70 -0.60
CA LYS B 251 -4.65 -22.00 0.80
C LYS B 251 -6.16 -22.28 0.98
N LYS B 252 -7.00 -21.50 0.30
CA LYS B 252 -8.45 -21.72 0.42
C LYS B 252 -8.82 -23.15 0.02
N ARG B 253 -7.97 -23.76 -0.80
CA ARG B 253 -8.24 -25.11 -1.28
C ARG B 253 -7.48 -26.16 -0.49
N GLY B 254 -6.79 -25.74 0.57
CA GLY B 254 -6.09 -26.70 1.43
C GLY B 254 -4.73 -27.16 0.93
N VAL B 255 -4.16 -26.42 -0.03
CA VAL B 255 -2.86 -26.80 -0.58
C VAL B 255 -1.75 -26.42 0.39
N SER B 256 -0.79 -27.32 0.58
CA SER B 256 0.34 -27.04 1.46
C SER B 256 1.52 -26.52 0.65
N ILE B 257 2.05 -25.39 1.07
CA ILE B 257 3.22 -24.79 0.43
C ILE B 257 4.32 -24.81 1.48
N PRO B 258 5.51 -25.32 1.11
CA PRO B 258 5.99 -25.71 -0.22
C PRO B 258 5.87 -27.21 -0.48
N GLN B 259 5.20 -27.92 0.40
CA GLN B 259 5.21 -29.39 0.32
C GLN B 259 4.57 -29.89 -0.96
N GLU B 260 3.51 -29.22 -1.42
CA GLU B 260 2.83 -29.66 -2.63
C GLU B 260 3.19 -28.83 -3.84
N VAL B 261 3.41 -27.53 -3.61
CA VAL B 261 3.81 -26.65 -4.70
C VAL B 261 4.75 -25.58 -4.17
N GLN B 262 5.82 -25.29 -4.91
CA GLN B 262 6.76 -24.25 -4.50
C GLN B 262 6.45 -22.96 -5.25
N ILE B 263 6.66 -21.82 -4.60
CA ILE B 263 6.28 -20.51 -5.17
C ILE B 263 7.45 -19.57 -5.08
N ILE B 264 7.72 -18.82 -6.17
CA ILE B 264 8.68 -17.71 -6.10
C ILE B 264 8.01 -16.50 -6.71
N GLY B 265 8.13 -15.35 -6.04
CA GLY B 265 7.61 -14.08 -6.59
C GLY B 265 8.67 -13.19 -7.17
N PHE B 266 8.44 -11.87 -7.11
CA PHE B 266 9.43 -10.89 -7.57
C PHE B 266 9.15 -9.58 -6.89
N ASP B 267 10.23 -8.95 -6.38
CA ASP B 267 10.26 -7.56 -5.84
C ASP B 267 11.03 -7.51 -4.50
N ASN B 268 10.79 -8.49 -3.66
CA ASN B 268 11.07 -8.34 -2.22
C ASN B 268 10.36 -7.13 -1.63
N SER B 269 9.05 -7.08 -1.83
CA SER B 269 8.26 -6.04 -1.15
C SER B 269 7.75 -6.59 0.18
N PHE B 270 7.21 -5.73 1.03
CA PHE B 270 6.95 -6.20 2.38
C PHE B 270 5.93 -7.31 2.51
N ILE B 271 5.07 -7.46 1.50
CA ILE B 271 4.02 -8.48 1.60
C ILE B 271 4.59 -9.88 1.69
N GLY B 272 5.76 -10.12 1.09
CA GLY B 272 6.37 -11.45 1.16
C GLY B 272 6.83 -11.89 2.52
N GLU B 273 7.10 -10.91 3.39
CA GLU B 273 7.50 -11.19 4.77
C GLU B 273 6.27 -11.27 5.69
N LEU B 274 5.15 -10.64 5.30
CA LEU B 274 3.81 -10.95 5.94
C LEU B 274 3.15 -12.26 5.51
N LEU B 275 3.44 -12.71 4.31
CA LEU B 275 2.92 -14.00 3.88
C LEU B 275 3.46 -15.07 4.80
N TYR B 276 2.69 -16.15 4.99
CA TYR B 276 3.14 -17.34 5.69
C TYR B 276 2.70 -18.55 4.89
N PRO B 277 3.65 -19.38 4.50
CA PRO B 277 5.06 -19.19 4.77
C PRO B 277 5.59 -17.95 4.04
N SER B 278 6.70 -17.41 4.50
CA SER B 278 7.27 -16.23 3.87
C SER B 278 7.76 -16.58 2.46
N LEU B 279 7.72 -15.57 1.59
CA LEU B 279 7.81 -15.79 0.15
C LEU B 279 9.22 -15.72 -0.39
N THR B 280 9.70 -16.79 -1.03
CA THR B 280 10.93 -16.72 -1.79
C THR B 280 10.73 -15.75 -2.97
N THR B 281 11.71 -14.91 -3.24
CA THR B 281 11.48 -13.85 -4.22
C THR B 281 12.79 -13.38 -4.82
N ILE B 282 12.67 -12.47 -5.76
CA ILE B 282 13.82 -11.83 -6.39
C ILE B 282 13.81 -10.37 -5.91
N ASN B 283 14.91 -9.96 -5.29
CA ASN B 283 15.02 -8.63 -4.75
C ASN B 283 15.19 -7.55 -5.81
N GLN B 284 14.31 -6.55 -5.83
CA GLN B 284 14.62 -5.28 -6.51
C GLN B 284 15.25 -4.34 -5.51
N PRO B 285 16.40 -3.74 -5.86
CA PRO B 285 17.15 -2.95 -4.87
C PRO B 285 16.56 -1.57 -4.75
N ILE B 286 15.50 -1.45 -3.95
CA ILE B 286 14.77 -0.19 -3.89
C ILE B 286 15.68 1.00 -3.55
N GLU B 287 16.60 0.83 -2.59
CA GLU B 287 17.47 1.96 -2.26
C GLU B 287 18.31 2.41 -3.45
N ALA B 288 18.90 1.45 -4.16
CA ALA B 288 19.73 1.80 -5.33
C ALA B 288 18.86 2.41 -6.43
N LEU B 289 17.67 1.84 -6.66
CA LEU B 289 16.79 2.40 -7.69
C LEU B 289 16.43 3.84 -7.38
N ALA B 290 16.00 4.09 -6.13
CA ALA B 290 15.57 5.42 -5.76
C ALA B 290 16.71 6.41 -5.80
N TYR B 291 17.87 6.05 -5.24
CA TYR B 291 19.05 6.89 -5.34
C TYR B 291 19.35 7.29 -6.77
N THR B 292 19.33 6.30 -7.65
CA THR B 292 19.67 6.51 -9.05
C THR B 292 18.65 7.40 -9.77
N ILE B 293 17.37 7.12 -9.57
CA ILE B 293 16.33 7.93 -10.19
C ILE B 293 16.51 9.39 -9.81
N ILE B 294 16.72 9.64 -8.53
CA ILE B 294 16.86 11.04 -8.07
C ILE B 294 18.19 11.69 -8.55
N GLU B 295 19.29 10.95 -8.47
CA GLU B 295 20.57 11.47 -8.95
C GLU B 295 20.45 11.90 -10.40
N LEU B 296 19.88 11.05 -11.23
CA LEU B 296 19.79 11.34 -12.66
C LEU B 296 18.82 12.47 -12.92
N LEU B 297 17.66 12.46 -12.25
CA LEU B 297 16.70 13.55 -12.49
C LEU B 297 17.32 14.90 -12.14
N ILE B 298 18.09 14.96 -11.04
CA ILE B 298 18.71 16.21 -10.63
C ILE B 298 19.75 16.66 -11.66
N LYS B 299 20.45 15.71 -12.28
CA LYS B 299 21.37 16.09 -13.38
C LYS B 299 20.64 16.76 -14.53
N ILE B 300 19.52 16.18 -14.91
CA ILE B 300 18.73 16.75 -16.01
C ILE B 300 18.21 18.12 -15.57
N ILE B 301 17.65 18.20 -14.36
CA ILE B 301 17.21 19.50 -13.86
C ILE B 301 18.29 20.57 -13.92
N ASN B 302 19.49 20.21 -13.47
CA ASN B 302 20.64 21.13 -13.37
C ASN B 302 21.35 21.36 -14.71
N GLY B 303 20.96 20.58 -15.72
CA GLY B 303 21.62 20.67 -17.03
C GLY B 303 23.03 20.10 -17.06
N GLU B 304 23.29 19.08 -16.24
CA GLU B 304 24.60 18.47 -16.17
C GLU B 304 24.72 17.36 -17.20
N GLY B 305 25.94 17.06 -17.61
CA GLY B 305 26.11 16.07 -18.66
C GLY B 305 25.86 14.67 -18.20
N VAL B 306 25.12 13.93 -19.01
CA VAL B 306 24.86 12.52 -18.72
C VAL B 306 24.45 11.86 -20.02
N LEU B 307 24.99 10.67 -20.28
CA LEU B 307 24.58 9.92 -21.46
C LEU B 307 23.18 9.36 -21.22
N ILE B 308 22.28 9.57 -22.19
CA ILE B 308 20.92 9.07 -22.04
C ILE B 308 20.90 7.62 -22.44
N GLU B 309 20.92 6.73 -21.45
CA GLU B 309 21.04 5.31 -21.69
C GLU B 309 20.32 4.59 -20.55
N ASP B 310 20.16 3.29 -20.66
CA ASP B 310 19.49 2.49 -19.60
C ASP B 310 20.37 2.36 -18.36
N TYR B 311 19.76 2.51 -17.18
CA TYR B 311 20.44 2.20 -15.92
C TYR B 311 19.74 0.97 -15.35
N ILE B 312 20.43 -0.15 -15.27
CA ILE B 312 19.84 -1.42 -14.81
C ILE B 312 20.53 -1.88 -13.53
N MET B 313 19.74 -2.02 -12.46
CA MET B 313 20.28 -2.37 -11.17
C MET B 313 20.23 -3.89 -10.95
N GLU B 314 21.25 -4.42 -10.29
CA GLU B 314 21.36 -5.85 -10.04
C GLU B 314 20.30 -6.37 -9.09
N VAL B 315 19.79 -7.56 -9.40
CA VAL B 315 18.84 -8.27 -8.54
C VAL B 315 19.50 -9.50 -7.91
N LYS B 316 18.85 -10.04 -6.90
CA LYS B 316 19.35 -11.23 -6.23
C LYS B 316 18.22 -12.05 -5.64
N LEU B 317 18.44 -13.35 -5.54
CA LEU B 317 17.44 -14.25 -5.03
C LEU B 317 17.40 -14.18 -3.50
N ILE B 318 16.21 -14.09 -2.93
CA ILE B 318 16.02 -14.09 -1.49
C ILE B 318 15.24 -15.38 -1.16
N GLU B 319 15.94 -16.34 -0.57
CA GLU B 319 15.34 -17.65 -0.30
C GLU B 319 14.59 -17.58 1.03
N ARG B 320 13.30 -17.94 1.00
CA ARG B 320 12.49 -17.98 2.20
C ARG B 320 11.78 -19.32 2.26
N GLU B 321 10.52 -19.35 2.70
CA GLU B 321 9.88 -20.61 3.07
C GLU B 321 8.98 -21.25 2.01
N THR B 322 8.69 -20.52 0.92
CA THR B 322 7.83 -21.11 -0.12
C THR B 322 8.58 -21.95 -1.16
N THR B 323 9.90 -22.06 -0.98
CA THR B 323 10.66 -23.05 -1.76
C THR B 323 11.40 -23.88 -0.74
N ILE B 324 11.74 -25.11 -1.12
CA ILE B 324 12.37 -26.02 -0.18
C ILE B 324 13.85 -25.69 -0.06
N SER B 325 14.34 -25.61 1.19
CA SER B 325 15.72 -25.18 1.42
C SER B 325 16.68 -26.32 1.11
O4 XLF C . -6.16 6.17 12.62
C4 XLF C . -6.77 4.88 12.43
C5 XLF C . -5.71 3.83 12.73
O5 XLF C . -5.36 3.26 11.46
C3 XLF C . -7.14 4.66 10.98
O3 XLF C . -8.56 4.72 10.77
C2 XLF C . -6.60 3.27 10.74
O2 XLF C . -7.48 2.28 11.29
C1 XLF C . -6.31 3.01 9.28
O1 XLF C . -5.67 1.72 9.16
NA NA D . -5.22 -18.70 24.19
O4 XLF E . 6.23 -3.72 -13.46
C4 XLF E . 6.68 -4.71 -12.51
C5 XLF E . 5.51 -5.60 -12.10
O5 XLF E . 5.18 -5.17 -10.76
C3 XLF E . 7.12 -3.99 -11.23
O3 XLF E . 8.54 -3.96 -11.03
C2 XLF E . 6.44 -4.84 -10.18
O2 XLF E . 7.17 -6.07 -9.95
C1 XLF E . 6.20 -4.11 -8.88
O1 XLF E . 5.44 -4.96 -8.00
NA NA F . 2.22 -30.05 -6.92
#